data_5C35
#
_entry.id   5C35
#
_cell.length_a   73.842
_cell.length_b   73.842
_cell.length_c   180.483
_cell.angle_alpha   90.000
_cell.angle_beta   90.000
_cell.angle_gamma   120.000
#
_symmetry.space_group_name_H-M   'P 65 2 2'
#
loop_
_entity.id
_entity.type
_entity.pdbx_description
1 polymer 'Recombinase Sin'
2 non-polymer 'SULFATE ION'
3 water water
#
_entity_poly.entity_id   1
_entity_poly.type   'polypeptide(L)'
_entity_poly.pdbx_seq_one_letter_code
;(MSE)IIGYARVSSLDQNLERQLENLKTFGAEKIFTEKQSGKSIENRPILQKALNFVE(MSE)GDRFIVESIDRLGRNYN
EVIHIVNYLKDKEVQL(MSE)ITSLP(MSE)(MSE)NEVTGNPLLDKF(MSE)KDLIIRILA(MSE)VSEQERNES
;
_entity_poly.pdbx_strand_id   A,B
#
loop_
_chem_comp.id
_chem_comp.type
_chem_comp.name
_chem_comp.formula
SO4 non-polymer 'SULFATE ION' 'O4 S -2'
#
# COMPACT_ATOMS: atom_id res chain seq x y z
N MSE A 1 13.56 -20.11 -9.46
CA MSE A 1 13.44 -20.70 -8.10
C MSE A 1 13.38 -19.60 -7.05
O MSE A 1 13.35 -18.41 -7.37
CB MSE A 1 14.60 -21.65 -7.83
CG MSE A 1 15.98 -21.02 -8.04
SE MSE A 1 17.44 -22.15 -7.40
CE MSE A 1 16.98 -22.22 -5.52
H2 MSE A 1 12.82 -19.66 -9.66
H MSE A 1 13.68 -20.76 -10.06
H3 MSE A 1 14.26 -19.56 -9.49
HA MSE A 1 12.62 -21.22 -8.06
HB2 MSE A 1 14.55 -21.95 -6.91
HB3 MSE A 1 14.54 -22.41 -8.43
HG2 MSE A 1 16.10 -20.87 -8.99
HG3 MSE A 1 16.01 -20.19 -7.56
HE1 MSE A 1 17.64 -22.76 -5.05
HE2 MSE A 1 16.98 -21.31 -5.16
HE3 MSE A 1 16.11 -22.61 -5.42
N ILE A 2 13.35 -20.00 -5.78
CA ILE A 2 13.23 -19.06 -4.66
C ILE A 2 14.49 -19.05 -3.81
N ILE A 3 15.26 -17.97 -3.90
CA ILE A 3 16.43 -17.78 -3.07
C ILE A 3 16.12 -16.75 -1.99
N GLY A 4 16.59 -17.02 -0.78
CA GLY A 4 16.41 -16.09 0.33
C GLY A 4 17.75 -15.56 0.82
N TYR A 5 17.72 -14.41 1.49
CA TYR A 5 18.92 -13.84 2.07
C TYR A 5 18.67 -13.41 3.51
N ALA A 6 19.46 -13.96 4.43
CA ALA A 6 19.29 -13.64 5.85
C ALA A 6 20.57 -13.02 6.41
N ARG A 7 20.39 -11.97 7.20
CA ARG A 7 21.51 -11.24 7.78
C ARG A 7 21.23 -10.86 9.23
N VAL A 8 22.24 -10.97 10.07
CA VAL A 8 22.15 -10.56 11.46
C VAL A 8 23.51 -10.00 11.87
N SER A 9 23.51 -8.93 12.64
CA SER A 9 24.75 -8.35 13.15
C SER A 9 25.40 -9.26 14.20
N SER A 10 24.57 -9.83 15.08
CA SER A 10 25.07 -10.71 16.12
C SER A 10 24.27 -12.01 16.19
N LEU A 11 24.84 -13.01 16.87
CA LEU A 11 24.19 -14.31 17.00
C LEU A 11 23.13 -14.31 18.08
N ASP A 12 23.16 -13.29 18.94
CA ASP A 12 22.13 -13.12 19.97
C ASP A 12 20.80 -12.72 19.34
N GLN A 13 20.86 -12.23 18.10
CA GLN A 13 19.65 -11.95 17.33
C GLN A 13 19.01 -13.25 16.87
N ASN A 14 17.69 -13.30 16.86
CA ASN A 14 16.97 -14.52 16.53
C ASN A 14 17.15 -14.85 15.04
N LEU A 15 18.26 -15.50 14.71
CA LEU A 15 18.54 -15.89 13.33
C LEU A 15 17.65 -17.06 12.89
N GLU A 16 17.30 -17.91 13.85
CA GLU A 16 16.47 -19.07 13.56
C GLU A 16 15.11 -18.65 13.04
N ARG A 17 14.51 -17.65 13.69
CA ARG A 17 13.22 -17.12 13.27
C ARG A 17 13.30 -16.67 11.82
N GLN A 18 14.31 -15.87 11.52
CA GLN A 18 14.50 -15.32 10.18
C GLN A 18 14.57 -16.46 9.16
N LEU A 19 15.38 -17.48 9.47
CA LEU A 19 15.55 -18.60 8.54
C LEU A 19 14.24 -19.38 8.36
N GLU A 20 13.49 -19.53 9.44
CA GLU A 20 12.21 -20.23 9.38
C GLU A 20 11.21 -19.47 8.53
N ASN A 21 11.18 -18.15 8.66
CA ASN A 21 10.28 -17.32 7.86
C ASN A 21 10.60 -17.45 6.38
N LEU A 22 11.89 -17.36 6.04
CA LEU A 22 12.33 -17.49 4.66
C LEU A 22 11.94 -18.87 4.12
N LYS A 23 12.23 -19.90 4.89
CA LYS A 23 11.86 -21.27 4.52
C LYS A 23 10.35 -21.38 4.33
N THR A 24 9.60 -20.90 5.33
CA THR A 24 8.15 -20.97 5.30
C THR A 24 7.61 -20.32 4.03
N PHE A 25 8.20 -19.20 3.63
CA PHE A 25 7.75 -18.46 2.46
C PHE A 25 8.32 -19.04 1.17
N GLY A 26 8.99 -20.19 1.27
CA GLY A 26 9.41 -20.94 0.10
C GLY A 26 10.91 -20.91 -0.21
N ALA A 27 11.72 -20.42 0.72
CA ALA A 27 13.16 -20.37 0.50
C ALA A 27 13.71 -21.76 0.19
N GLU A 28 14.30 -21.92 -0.99
CA GLU A 28 14.97 -23.17 -1.35
C GLU A 28 16.40 -23.14 -0.81
N LYS A 29 17.12 -22.08 -1.13
CA LYS A 29 18.44 -21.83 -0.56
C LYS A 29 18.43 -20.49 0.14
N ILE A 30 19.20 -20.37 1.21
CA ILE A 30 19.28 -19.14 1.97
C ILE A 30 20.74 -18.76 2.17
N PHE A 31 21.15 -17.67 1.53
CA PHE A 31 22.48 -17.12 1.75
C PHE A 31 22.52 -16.39 3.09
N THR A 32 23.09 -17.03 4.11
CA THR A 32 23.14 -16.45 5.45
C THR A 32 24.48 -15.73 5.65
N GLU A 33 24.42 -14.53 6.21
CA GLU A 33 25.61 -13.69 6.38
C GLU A 33 25.61 -12.94 7.71
N LYS A 34 26.73 -13.05 8.43
CA LYS A 34 26.88 -12.38 9.71
C LYS A 34 27.68 -11.09 9.51
N GLN A 35 26.97 -9.99 9.30
CA GLN A 35 27.61 -8.73 8.95
C GLN A 35 26.64 -7.57 9.11
N SER A 36 27.17 -6.36 9.22
CA SER A 36 26.35 -5.17 9.27
C SER A 36 25.78 -4.81 7.91
N GLY A 37 24.64 -4.12 7.90
CA GLY A 37 24.01 -3.70 6.67
C GLY A 37 24.39 -2.29 6.25
N LYS A 38 25.46 -1.77 6.84
CA LYS A 38 25.90 -0.41 6.54
C LYS A 38 26.42 -0.31 5.11
N SER A 39 27.09 -1.36 4.66
CA SER A 39 27.71 -1.34 3.33
C SER A 39 27.64 -2.72 2.68
N ILE A 40 27.76 -2.74 1.36
CA ILE A 40 27.70 -3.99 0.60
C ILE A 40 29.11 -4.46 0.26
N GLU A 41 30.05 -3.53 0.19
CA GLU A 41 31.43 -3.86 -0.15
C GLU A 41 32.01 -4.89 0.82
N ASN A 42 31.56 -4.85 2.07
CA ASN A 42 32.03 -5.79 3.09
C ASN A 42 31.03 -6.92 3.28
N ARG A 43 30.18 -7.14 2.29
CA ARG A 43 29.19 -8.22 2.34
C ARG A 43 29.27 -9.07 1.07
N PRO A 44 30.30 -9.93 0.99
CA PRO A 44 30.49 -10.75 -0.22
C PRO A 44 29.38 -11.77 -0.43
N ILE A 45 28.72 -12.20 0.65
CA ILE A 45 27.67 -13.20 0.56
C ILE A 45 26.47 -12.62 -0.18
N LEU A 46 26.16 -11.36 0.09
CA LEU A 46 25.09 -10.68 -0.60
C LEU A 46 25.40 -10.64 -2.09
N GLN A 47 26.65 -10.28 -2.41
CA GLN A 47 27.11 -10.27 -3.80
C GLN A 47 26.94 -11.63 -4.47
N LYS A 48 27.12 -12.70 -3.71
CA LYS A 48 26.93 -14.05 -4.24
C LYS A 48 25.44 -14.30 -4.51
N ALA A 49 24.60 -13.93 -3.55
CA ALA A 49 23.17 -14.13 -3.67
C ALA A 49 22.63 -13.37 -4.87
N LEU A 50 23.04 -12.12 -5.02
CA LEU A 50 22.55 -11.27 -6.10
C LEU A 50 23.06 -11.78 -7.44
N ASN A 51 24.28 -12.31 -7.46
CA ASN A 51 24.84 -12.86 -8.69
C ASN A 51 24.20 -14.20 -9.05
N PHE A 52 23.87 -14.99 -8.03
CA PHE A 52 23.28 -16.30 -8.28
C PHE A 52 21.88 -16.19 -8.88
N VAL A 53 21.03 -15.37 -8.27
CA VAL A 53 19.67 -15.20 -8.76
C VAL A 53 19.71 -14.82 -10.23
N GLU A 54 18.78 -15.36 -11.01
CA GLU A 54 18.72 -15.10 -12.44
C GLU A 54 17.28 -14.88 -12.88
N MSE A 55 17.14 -14.29 -14.07
CA MSE A 55 15.86 -14.04 -14.69
C MSE A 55 14.83 -15.12 -14.39
O MSE A 55 15.01 -16.28 -14.76
CB MSE A 55 16.06 -13.91 -16.20
CG MSE A 55 14.79 -13.61 -16.97
SE MSE A 55 15.22 -13.24 -18.83
CE MSE A 55 16.21 -14.86 -19.26
H MSE A 55 17.81 -14.03 -14.54
HA MSE A 55 15.52 -13.19 -14.36
HB2 MSE A 55 16.68 -13.18 -16.37
HB3 MSE A 55 16.41 -14.74 -16.53
HG2 MSE A 55 14.21 -14.39 -16.94
HG3 MSE A 55 14.35 -12.84 -16.59
HE1 MSE A 55 16.50 -14.81 -20.20
HE2 MSE A 55 16.97 -14.92 -18.68
HE3 MSE A 55 15.62 -15.62 -19.13
N GLY A 56 13.74 -14.73 -13.73
CA GLY A 56 12.69 -15.66 -13.36
C GLY A 56 12.72 -16.08 -11.91
N ASP A 57 13.90 -16.05 -11.29
CA ASP A 57 14.03 -16.45 -9.90
C ASP A 57 13.30 -15.48 -8.96
N ARG A 58 13.29 -15.83 -7.67
CA ARG A 58 12.75 -14.95 -6.65
C ARG A 58 13.80 -14.72 -5.57
N PHE A 59 13.97 -13.45 -5.17
CA PHE A 59 14.92 -13.09 -4.12
C PHE A 59 14.14 -12.55 -2.92
N ILE A 60 14.22 -13.25 -1.80
CA ILE A 60 13.37 -12.93 -0.66
C ILE A 60 14.20 -12.58 0.56
N VAL A 61 13.66 -11.65 1.36
CA VAL A 61 14.24 -11.24 2.63
C VAL A 61 13.09 -11.01 3.59
N GLU A 62 13.38 -11.03 4.89
CA GLU A 62 12.35 -10.81 5.89
C GLU A 62 11.96 -9.34 5.88
N SER A 63 12.96 -8.46 5.78
CA SER A 63 12.74 -7.03 5.78
C SER A 63 13.78 -6.31 4.94
N ILE A 64 13.50 -5.06 4.60
CA ILE A 64 14.43 -4.23 3.86
C ILE A 64 15.72 -4.05 4.66
N ASP A 65 15.59 -3.83 5.96
CA ASP A 65 16.74 -3.60 6.82
C ASP A 65 17.71 -4.77 6.76
N ARG A 66 17.19 -5.97 6.50
CA ARG A 66 18.04 -7.13 6.29
C ARG A 66 18.87 -6.96 5.02
N LEU A 67 18.27 -6.36 4.00
CA LEU A 67 18.94 -6.17 2.72
C LEU A 67 20.03 -5.11 2.84
N GLY A 68 19.80 -4.14 3.71
CA GLY A 68 20.79 -3.12 4.01
C GLY A 68 20.25 -1.98 4.84
N ARG A 69 21.15 -1.16 5.33
CA ARG A 69 20.80 0.04 6.10
C ARG A 69 21.42 1.25 5.42
N ASN A 70 21.27 1.29 4.11
CA ASN A 70 21.87 2.34 3.28
C ASN A 70 20.92 2.63 2.15
N TYR A 71 20.16 3.71 2.30
CA TYR A 71 19.16 4.13 1.30
C TYR A 71 19.69 4.01 -0.13
N ASN A 72 20.85 4.59 -0.39
CA ASN A 72 21.41 4.59 -1.74
C ASN A 72 21.68 3.17 -2.23
N GLU A 73 22.40 2.38 -1.43
CA GLU A 73 22.77 1.04 -1.82
C GLU A 73 21.54 0.13 -1.92
N VAL A 74 20.56 0.36 -1.06
CA VAL A 74 19.35 -0.46 -1.06
C VAL A 74 18.58 -0.23 -2.36
N ILE A 75 18.32 1.03 -2.68
CA ILE A 75 17.61 1.37 -3.92
C ILE A 75 18.38 0.83 -5.11
N HIS A 76 19.70 0.82 -5.01
CA HIS A 76 20.54 0.31 -6.08
C HIS A 76 20.29 -1.20 -6.27
N ILE A 77 20.00 -1.88 -5.17
CA ILE A 77 19.80 -3.33 -5.21
C ILE A 77 18.41 -3.65 -5.75
N VAL A 78 17.44 -2.82 -5.37
CA VAL A 78 16.06 -3.05 -5.78
C VAL A 78 15.91 -2.90 -7.29
N ASN A 79 16.67 -1.97 -7.87
CA ASN A 79 16.64 -1.74 -9.31
C ASN A 79 17.44 -2.81 -10.03
N TYR A 80 18.47 -3.33 -9.36
CA TYR A 80 19.27 -4.41 -9.93
C TYR A 80 18.41 -5.64 -10.18
N LEU A 81 17.56 -5.97 -9.22
CA LEU A 81 16.71 -7.15 -9.33
C LEU A 81 15.63 -6.94 -10.37
N LYS A 82 15.15 -5.70 -10.50
CA LYS A 82 14.19 -5.37 -11.53
C LYS A 82 14.81 -5.60 -12.90
N ASP A 83 15.94 -4.95 -13.15
CA ASP A 83 16.63 -5.04 -14.44
C ASP A 83 16.97 -6.50 -14.76
N LYS A 84 17.30 -7.27 -13.74
CA LYS A 84 17.62 -8.67 -13.90
C LYS A 84 16.34 -9.52 -13.97
N GLU A 85 15.19 -8.86 -13.81
CA GLU A 85 13.90 -9.53 -13.85
C GLU A 85 13.78 -10.60 -12.77
N VAL A 86 14.33 -10.30 -11.60
CA VAL A 86 14.18 -11.15 -10.43
C VAL A 86 13.17 -10.49 -9.50
N GLN A 87 12.21 -11.27 -9.01
CA GLN A 87 11.18 -10.73 -8.15
C GLN A 87 11.65 -10.62 -6.70
N LEU A 88 11.64 -9.40 -6.19
CA LEU A 88 11.97 -9.14 -4.80
C LEU A 88 10.72 -9.24 -3.92
N MSE A 89 10.70 -10.19 -3.00
CA MSE A 89 9.61 -10.29 -2.04
C MSE A 89 10.10 -10.04 -0.61
O MSE A 89 11.23 -10.35 -0.28
CB MSE A 89 8.92 -11.65 -2.12
CG MSE A 89 7.85 -11.86 -1.05
SE MSE A 89 6.86 -13.51 -1.27
CE MSE A 89 8.31 -14.77 -1.00
H MSE A 89 11.31 -10.78 -2.91
HA MSE A 89 8.94 -9.61 -2.25
HB2 MSE A 89 8.50 -11.74 -2.99
HB3 MSE A 89 9.59 -12.35 -2.00
HG2 MSE A 89 8.28 -11.88 -0.18
HG3 MSE A 89 7.22 -11.12 -1.10
HE1 MSE A 89 7.95 -15.68 -1.07
HE2 MSE A 89 8.99 -14.62 -1.67
HE3 MSE A 89 8.69 -14.65 -0.11
N ILE A 90 9.22 -9.47 0.21
CA ILE A 90 9.54 -9.21 1.60
C ILE A 90 8.48 -9.95 2.43
N THR A 91 8.90 -10.97 3.15
CA THR A 91 7.97 -11.85 3.84
C THR A 91 7.12 -11.09 4.85
N SER A 92 7.63 -9.97 5.34
CA SER A 92 6.87 -9.14 6.25
C SER A 92 5.91 -8.22 5.48
N LEU A 93 6.10 -8.16 4.16
CA LEU A 93 5.22 -7.40 3.28
C LEU A 93 4.75 -8.28 2.13
N PRO A 94 4.09 -9.41 2.46
CA PRO A 94 3.77 -10.45 1.47
C PRO A 94 2.89 -9.98 0.32
N MSE A 95 1.99 -9.04 0.58
CA MSE A 95 1.05 -8.59 -0.44
C MSE A 95 1.53 -7.37 -1.20
O MSE A 95 0.77 -6.77 -1.97
CB MSE A 95 -0.31 -8.29 0.20
CG MSE A 95 -1.01 -9.50 0.76
SE MSE A 95 -2.95 -9.27 0.73
CE MSE A 95 -3.21 -9.26 -1.21
H MSE A 95 1.91 -8.63 1.34
HA MSE A 95 0.91 -9.31 -1.07
HB2 MSE A 95 -0.17 -7.66 0.93
HB3 MSE A 95 -0.89 -7.89 -0.47
HG2 MSE A 95 -0.79 -10.27 0.22
HG3 MSE A 95 -0.74 -9.63 1.69
HE1 MSE A 95 -4.16 -9.16 -1.39
HE2 MSE A 95 -2.71 -8.53 -1.59
HE3 MSE A 95 -2.90 -10.10 -1.57
N MSE A 96 2.79 -6.98 -1.01
CA MSE A 96 3.32 -5.81 -1.67
C MSE A 96 3.47 -6.05 -3.17
O MSE A 96 3.37 -5.11 -3.97
CB MSE A 96 4.65 -5.42 -1.07
CG MSE A 96 5.16 -4.07 -1.52
SE MSE A 96 6.98 -3.74 -0.93
CE MSE A 96 7.89 -5.14 -1.96
H MSE A 96 3.34 -7.39 -0.50
HA MSE A 96 2.71 -5.07 -1.53
HB2 MSE A 96 4.58 -5.40 -0.10
HB3 MSE A 96 5.32 -6.08 -1.32
HG2 MSE A 96 5.15 -4.02 -2.48
HG3 MSE A 96 4.60 -3.37 -1.14
HE1 MSE A 96 8.83 -5.11 -1.77
HE2 MSE A 96 7.53 -6.01 -1.70
HE3 MSE A 96 7.73 -4.99 -2.91
N ASN A 97 3.73 -7.30 -3.56
CA ASN A 97 3.90 -7.64 -4.97
C ASN A 97 2.60 -8.07 -5.63
N GLU A 98 1.51 -8.07 -4.87
CA GLU A 98 0.22 -8.51 -5.39
C GLU A 98 -0.34 -7.50 -6.38
N VAL A 99 -1.12 -8.01 -7.34
CA VAL A 99 -1.62 -7.19 -8.45
C VAL A 99 -3.04 -6.74 -8.16
N THR A 100 -3.37 -5.51 -8.55
CA THR A 100 -4.69 -4.94 -8.26
C THR A 100 -5.20 -4.04 -9.38
N GLY A 101 -4.95 -4.43 -10.63
CA GLY A 101 -5.49 -3.74 -11.78
C GLY A 101 -5.24 -2.25 -11.83
N ASN A 102 -4.22 -1.80 -11.11
CA ASN A 102 -3.79 -0.41 -11.22
C ASN A 102 -2.27 -0.33 -11.29
N PRO A 103 -1.68 -0.93 -12.35
CA PRO A 103 -0.23 -0.95 -12.56
C PRO A 103 0.46 0.35 -12.17
N LEU A 104 -0.18 1.48 -12.43
CA LEU A 104 0.37 2.77 -12.06
C LEU A 104 0.62 2.82 -10.56
N LEU A 105 -0.46 2.78 -9.78
CA LEU A 105 -0.36 2.89 -8.33
C LEU A 105 0.52 1.78 -7.75
N ASP A 106 0.21 0.54 -8.12
CA ASP A 106 0.97 -0.61 -7.63
C ASP A 106 2.47 -0.33 -7.70
N LYS A 107 2.95 0.02 -8.88
CA LYS A 107 4.36 0.37 -9.04
C LYS A 107 4.70 1.55 -8.13
N PHE A 108 3.82 2.55 -8.09
CA PHE A 108 4.02 3.73 -7.27
C PHE A 108 4.02 3.39 -5.78
N MSE A 109 3.26 2.36 -5.40
CA MSE A 109 3.25 1.90 -4.01
C MSE A 109 4.65 1.42 -3.63
O MSE A 109 5.28 1.96 -2.72
CB MSE A 109 2.24 0.77 -3.81
CG MSE A 109 0.79 1.14 -4.07
SE MSE A 109 0.19 2.71 -3.09
CE MSE A 109 -0.86 1.84 -1.70
H MSE A 109 2.74 1.92 -5.92
HA MSE A 109 3.00 2.64 -3.43
HB2 MSE A 109 2.47 0.04 -4.39
HB3 MSE A 109 2.30 0.47 -2.88
HG2 MSE A 109 0.68 1.31 -5.02
HG3 MSE A 109 0.23 0.39 -3.81
HE1 MSE A 109 -1.23 2.53 -1.12
HE2 MSE A 109 -1.57 1.33 -2.12
HE3 MSE A 109 -0.29 1.26 -1.19
N LYS A 110 5.12 0.40 -4.33
CA LYS A 110 6.44 -0.18 -4.10
C LYS A 110 7.50 0.90 -3.99
N ASP A 111 7.51 1.81 -4.96
CA ASP A 111 8.50 2.86 -4.98
C ASP A 111 8.47 3.64 -3.67
N LEU A 112 7.26 3.95 -3.20
CA LEU A 112 7.11 4.65 -1.94
C LEU A 112 7.54 3.76 -0.78
N ILE A 113 6.86 2.62 -0.63
CA ILE A 113 7.13 1.69 0.46
C ILE A 113 8.63 1.45 0.59
N ILE A 114 9.22 0.97 -0.50
CA ILE A 114 10.61 0.58 -0.49
C ILE A 114 11.51 1.76 -0.12
N ARG A 115 11.16 2.95 -0.59
CA ARG A 115 12.02 4.10 -0.37
C ARG A 115 11.88 4.59 1.06
N ILE A 116 10.68 4.45 1.62
CA ILE A 116 10.44 4.79 3.01
C ILE A 116 11.28 3.86 3.86
N LEU A 117 11.12 2.56 3.64
CA LEU A 117 11.78 1.57 4.47
C LEU A 117 13.30 1.63 4.34
N ALA A 118 13.79 1.87 3.13
CA ALA A 118 15.23 1.95 2.90
C ALA A 118 15.84 3.09 3.70
N MSE A 119 15.09 4.18 3.83
CA MSE A 119 15.51 5.33 4.62
C MSE A 119 15.51 5.01 6.11
O MSE A 119 16.52 5.13 6.79
CB MSE A 119 14.62 6.53 4.33
CG MSE A 119 14.89 7.74 5.19
SE MSE A 119 13.32 8.86 5.31
CE MSE A 119 12.11 7.63 6.24
H MSE A 119 14.32 4.29 3.46
HA MSE A 119 16.42 5.56 4.37
HB2 MSE A 119 14.74 6.79 3.41
HB3 MSE A 119 13.70 6.27 4.48
HG2 MSE A 119 15.14 7.46 6.09
HG3 MSE A 119 15.61 8.27 4.79
HE1 MSE A 119 11.26 8.07 6.37
HE2 MSE A 119 12.00 6.84 5.71
HE3 MSE A 119 12.51 7.40 7.10
N VAL A 120 14.33 4.64 6.61
CA VAL A 120 14.16 4.18 7.98
C VAL A 120 15.33 3.28 8.40
N SER A 121 15.62 2.28 7.58
CA SER A 121 16.68 1.33 7.90
C SER A 121 18.02 2.04 8.12
N GLU A 122 18.29 3.03 7.29
CA GLU A 122 19.56 3.76 7.36
C GLU A 122 19.61 4.65 8.59
N GLN A 123 18.51 5.34 8.85
CA GLN A 123 18.43 6.30 9.94
C GLN A 123 18.58 5.59 11.29
N GLU A 124 18.14 4.34 11.35
CA GLU A 124 18.22 3.56 12.58
C GLU A 124 19.63 3.02 12.81
N MSE B 1 -24.00 -2.73 6.80
CA MSE B 1 -24.24 -3.11 5.38
C MSE B 1 -23.38 -2.25 4.46
O MSE B 1 -22.42 -1.60 4.90
CB MSE B 1 -25.72 -2.96 5.04
CG MSE B 1 -26.21 -1.51 5.02
SE MSE B 1 -28.15 -1.37 4.88
CE MSE B 1 -28.63 -2.03 6.65
H2 MSE B 1 -23.26 -3.14 7.09
H MSE B 1 -24.69 -3.00 7.30
H3 MSE B 1 -23.89 -1.85 6.86
HA MSE B 1 -24.00 -4.03 5.26
HB2 MSE B 1 -25.88 -3.33 4.16
HB3 MSE B 1 -26.24 -3.43 5.70
HG2 MSE B 1 -25.94 -1.08 5.84
HG3 MSE B 1 -25.82 -1.06 4.26
HE1 MSE B 1 -29.59 -2.02 6.74
HE2 MSE B 1 -28.30 -2.93 6.76
HE3 MSE B 1 -28.23 -1.45 7.32
N ILE B 2 -23.72 -2.24 3.16
CA ILE B 2 -22.94 -1.50 2.17
C ILE B 2 -23.73 -0.28 1.70
N ILE B 3 -23.11 0.89 1.80
CA ILE B 3 -23.75 2.15 1.42
C ILE B 3 -22.83 2.91 0.48
N GLY B 4 -23.42 3.52 -0.55
CA GLY B 4 -22.66 4.28 -1.53
C GLY B 4 -23.00 5.76 -1.53
N TYR B 5 -22.21 6.52 -2.27
CA TYR B 5 -22.44 7.96 -2.42
C TYR B 5 -21.96 8.46 -3.78
N ALA B 6 -22.80 9.23 -4.45
CA ALA B 6 -22.49 9.76 -5.77
C ALA B 6 -22.79 11.26 -5.83
N ARG B 7 -22.04 11.98 -6.65
CA ARG B 7 -22.20 13.42 -6.78
C ARG B 7 -21.86 13.91 -8.19
N VAL B 8 -22.64 14.88 -8.67
CA VAL B 8 -22.39 15.53 -9.95
C VAL B 8 -22.88 16.98 -9.87
N SER B 9 -21.93 17.92 -9.86
CA SER B 9 -22.27 19.32 -9.65
C SER B 9 -23.12 19.91 -10.78
N SER B 10 -22.94 19.41 -12.00
CA SER B 10 -23.58 20.00 -13.16
C SER B 10 -24.61 19.07 -13.81
N LEU B 11 -24.99 19.38 -15.05
CA LEU B 11 -26.04 18.65 -15.75
C LEU B 11 -25.49 17.72 -16.83
N ASP B 12 -24.17 17.73 -17.02
CA ASP B 12 -23.55 16.98 -18.11
C ASP B 12 -22.44 16.05 -17.64
N GLN B 13 -22.82 14.98 -16.95
CA GLN B 13 -21.85 13.99 -16.49
C GLN B 13 -22.43 12.58 -16.52
N ASN B 14 -21.58 11.59 -16.76
CA ASN B 14 -22.00 10.20 -16.86
C ASN B 14 -22.39 9.66 -15.49
N LEU B 15 -23.48 10.21 -14.93
CA LEU B 15 -23.93 9.82 -13.60
C LEU B 15 -24.37 8.36 -13.54
N GLU B 16 -24.68 7.78 -14.70
CA GLU B 16 -25.14 6.39 -14.76
C GLU B 16 -24.01 5.43 -14.36
N ARG B 17 -22.83 5.64 -14.92
CA ARG B 17 -21.67 4.81 -14.61
C ARG B 17 -21.38 4.86 -13.12
N GLN B 18 -21.36 6.07 -12.57
CA GLN B 18 -21.07 6.28 -11.15
C GLN B 18 -22.01 5.45 -10.28
N LEU B 19 -23.27 5.38 -10.68
CA LEU B 19 -24.26 4.61 -9.93
C LEU B 19 -24.10 3.11 -10.17
N GLU B 20 -23.57 2.75 -11.33
CA GLU B 20 -23.40 1.34 -11.67
C GLU B 20 -22.12 0.75 -11.08
N ASN B 21 -21.11 1.58 -10.86
CA ASN B 21 -19.86 1.12 -10.25
C ASN B 21 -20.05 0.85 -8.76
N LEU B 22 -20.90 1.66 -8.12
CA LEU B 22 -21.22 1.45 -6.71
C LEU B 22 -22.00 0.16 -6.55
N LYS B 23 -22.99 -0.05 -7.42
CA LYS B 23 -23.80 -1.26 -7.38
C LYS B 23 -22.94 -2.50 -7.61
N THR B 24 -21.90 -2.35 -8.43
CA THR B 24 -21.03 -3.47 -8.79
C THR B 24 -20.42 -4.11 -7.55
N PHE B 25 -19.88 -3.29 -6.66
CA PHE B 25 -19.19 -3.78 -5.47
C PHE B 25 -20.16 -4.17 -4.36
N GLY B 26 -21.45 -3.90 -4.58
CA GLY B 26 -22.47 -4.33 -3.65
C GLY B 26 -23.19 -3.21 -2.91
N ALA B 27 -23.28 -2.03 -3.54
CA ALA B 27 -23.99 -0.92 -2.95
C ALA B 27 -25.49 -1.22 -2.86
N GLU B 28 -26.01 -1.27 -1.65
CA GLU B 28 -27.43 -1.53 -1.43
C GLU B 28 -28.24 -0.25 -1.59
N LYS B 29 -27.69 0.85 -1.09
CA LYS B 29 -28.32 2.16 -1.24
C LYS B 29 -27.30 3.17 -1.75
N ILE B 30 -27.79 4.20 -2.44
CA ILE B 30 -26.93 5.25 -2.99
C ILE B 30 -27.57 6.62 -2.78
N PHE B 31 -26.88 7.48 -2.03
CA PHE B 31 -27.32 8.86 -1.82
C PHE B 31 -26.78 9.76 -2.94
N THR B 32 -27.48 9.81 -4.06
CA THR B 32 -27.03 10.59 -5.21
C THR B 32 -27.32 12.08 -4.99
N GLU B 33 -26.34 12.93 -5.34
CA GLU B 33 -26.47 14.37 -5.16
C GLU B 33 -26.05 15.12 -6.42
N LYS B 34 -26.59 16.32 -6.60
CA LYS B 34 -26.25 17.15 -7.74
C LYS B 34 -25.52 18.41 -7.30
N GLY B 37 -18.55 20.09 -5.20
CA GLY B 37 -17.81 19.54 -4.08
C GLY B 37 -16.86 20.53 -3.45
N LYS B 38 -17.18 21.81 -3.60
CA LYS B 38 -16.35 22.88 -3.05
C LYS B 38 -16.58 23.06 -1.56
N SER B 39 -17.62 22.42 -1.04
CA SER B 39 -17.95 22.53 0.39
C SER B 39 -18.95 21.46 0.79
N ILE B 40 -19.18 21.33 2.10
CA ILE B 40 -20.12 20.35 2.62
C ILE B 40 -21.35 21.06 3.18
N GLU B 41 -21.20 22.31 3.57
CA GLU B 41 -22.30 23.10 4.12
C GLU B 41 -23.47 23.14 3.14
N ASN B 42 -23.17 23.07 1.84
CA ASN B 42 -24.20 23.09 0.81
C ASN B 42 -24.41 21.69 0.22
N ARG B 43 -24.16 20.67 1.04
CA ARG B 43 -24.38 19.29 0.62
C ARG B 43 -25.01 18.46 1.74
N PRO B 44 -26.34 18.49 1.84
CA PRO B 44 -27.05 17.74 2.88
C PRO B 44 -27.20 16.26 2.57
N ILE B 45 -27.27 15.92 1.28
CA ILE B 45 -27.39 14.53 0.85
C ILE B 45 -26.19 13.74 1.37
N LEU B 46 -25.04 14.38 1.43
CA LEU B 46 -23.85 13.78 2.00
C LEU B 46 -24.05 13.55 3.49
N GLN B 47 -24.50 14.60 4.18
CA GLN B 47 -24.75 14.53 5.62
C GLN B 47 -25.71 13.39 5.96
N LYS B 48 -26.70 13.18 5.10
CA LYS B 48 -27.66 12.10 5.30
C LYS B 48 -26.99 10.74 5.14
N ALA B 49 -26.05 10.66 4.21
CA ALA B 49 -25.32 9.43 3.97
C ALA B 49 -24.40 9.12 5.15
N LEU B 50 -23.96 10.16 5.84
CA LEU B 50 -23.03 10.01 6.96
C LEU B 50 -23.77 9.70 8.25
N ASN B 51 -25.00 10.17 8.37
CA ASN B 51 -25.81 9.90 9.55
C ASN B 51 -26.41 8.51 9.48
N PHE B 52 -26.64 8.02 8.26
CA PHE B 52 -27.20 6.70 8.06
C PHE B 52 -26.20 5.63 8.49
N VAL B 53 -24.99 5.69 7.93
CA VAL B 53 -23.96 4.71 8.21
C VAL B 53 -23.69 4.61 9.70
N GLU B 54 -23.68 3.38 10.21
CA GLU B 54 -23.34 3.12 11.60
C GLU B 54 -22.22 2.08 11.66
N MSE B 55 -21.80 1.77 12.88
CA MSE B 55 -20.74 0.81 13.11
C MSE B 55 -21.01 -0.48 12.34
O MSE B 55 -22.12 -1.03 12.37
CB MSE B 55 -20.61 0.53 14.60
CG MSE B 55 -19.44 -0.36 14.98
SE MSE B 55 -19.28 -0.51 16.91
CE MSE B 55 -19.00 1.37 17.36
H MSE B 55 -22.11 2.12 13.61
HA MSE B 55 -19.90 1.19 12.80
HB2 MSE B 55 -20.49 1.37 15.06
HB3 MSE B 55 -21.41 0.09 14.90
HG2 MSE B 55 -19.59 -1.25 14.61
HG3 MSE B 55 -18.62 0.03 14.63
HE1 MSE B 55 -18.90 1.45 18.32
HE2 MSE B 55 -18.20 1.68 16.92
HE3 MSE B 55 -19.77 1.88 17.06
N GLY B 56 -20.00 -0.96 11.61
CA GLY B 56 -20.11 -2.20 10.87
C GLY B 56 -20.43 -2.00 9.39
N ASP B 57 -20.93 -0.81 9.06
CA ASP B 57 -21.32 -0.50 7.69
C ASP B 57 -20.09 -0.20 6.83
N ARG B 58 -20.33 0.02 5.54
CA ARG B 58 -19.26 0.34 4.60
C ARG B 58 -19.67 1.48 3.68
N PHE B 59 -19.10 2.65 3.92
CA PHE B 59 -19.35 3.81 3.07
C PHE B 59 -18.41 3.75 1.87
N ILE B 60 -18.98 3.83 0.66
CA ILE B 60 -18.17 3.72 -0.55
C ILE B 60 -18.47 4.84 -1.53
N VAL B 61 -17.42 5.28 -2.23
CA VAL B 61 -17.56 6.23 -3.32
C VAL B 61 -16.81 5.65 -4.51
N GLU B 62 -16.88 6.33 -5.65
CA GLU B 62 -16.09 5.92 -6.80
C GLU B 62 -14.67 6.43 -6.62
N SER B 63 -14.54 7.67 -6.19
CA SER B 63 -13.23 8.28 -5.93
C SER B 63 -13.37 9.41 -4.92
N ILE B 64 -12.24 9.81 -4.32
CA ILE B 64 -12.24 10.80 -3.25
C ILE B 64 -12.73 12.16 -3.74
N ASP B 65 -12.56 12.44 -5.02
CA ASP B 65 -13.02 13.72 -5.55
C ASP B 65 -14.54 13.81 -5.51
N ARG B 66 -15.21 12.65 -5.59
CA ARG B 66 -16.66 12.62 -5.47
C ARG B 66 -17.06 13.07 -4.07
N LEU B 67 -16.33 12.57 -3.07
CA LEU B 67 -16.63 12.85 -1.67
C LEU B 67 -16.45 14.33 -1.34
N GLY B 68 -15.68 15.03 -2.17
CA GLY B 68 -15.44 16.45 -1.95
C GLY B 68 -14.13 16.91 -2.57
N ARG B 69 -14.06 18.19 -2.95
CA ARG B 69 -12.86 18.74 -3.53
C ARG B 69 -12.22 19.77 -2.59
N ASN B 70 -11.99 19.35 -1.35
CA ASN B 70 -11.40 20.21 -0.34
C ASN B 70 -10.55 19.38 0.62
N TYR B 71 -9.24 19.59 0.57
CA TYR B 71 -8.31 18.82 1.38
C TYR B 71 -8.71 18.82 2.84
N ASN B 72 -9.06 19.99 3.37
CA ASN B 72 -9.43 20.11 4.77
C ASN B 72 -10.68 19.29 5.08
N GLU B 73 -11.73 19.48 4.29
CA GLU B 73 -13.02 18.84 4.55
C GLU B 73 -12.97 17.33 4.27
N VAL B 74 -12.20 16.94 3.25
CA VAL B 74 -12.13 15.53 2.86
C VAL B 74 -11.46 14.72 3.95
N ILE B 75 -10.51 15.32 4.66
CA ILE B 75 -9.83 14.63 5.75
C ILE B 75 -10.75 14.55 6.97
N HIS B 76 -11.49 15.62 7.21
CA HIS B 76 -12.41 15.68 8.35
C HIS B 76 -13.47 14.58 8.28
N ILE B 77 -13.86 14.22 7.05
CA ILE B 77 -14.93 13.25 6.85
C ILE B 77 -14.38 11.83 7.00
N VAL B 78 -13.16 11.60 6.50
CA VAL B 78 -12.53 10.30 6.65
C VAL B 78 -12.28 10.04 8.13
N ASN B 79 -11.99 11.11 8.87
CA ASN B 79 -11.85 11.02 10.32
C ASN B 79 -13.18 10.66 10.95
N TYR B 80 -14.25 11.26 10.44
CA TYR B 80 -15.60 11.01 10.96
C TYR B 80 -15.97 9.54 10.79
N LEU B 81 -15.75 9.02 9.58
CA LEU B 81 -16.09 7.63 9.27
C LEU B 81 -15.31 6.67 10.17
N LYS B 82 -14.08 7.03 10.49
CA LYS B 82 -13.23 6.20 11.33
C LYS B 82 -13.72 6.18 12.77
N ASP B 83 -13.96 7.36 13.32
CA ASP B 83 -14.48 7.47 14.67
C ASP B 83 -15.78 6.69 14.80
N LYS B 84 -16.55 6.66 13.71
CA LYS B 84 -17.83 5.98 13.68
C LYS B 84 -17.67 4.50 13.34
N GLU B 85 -16.43 4.07 13.14
CA GLU B 85 -16.13 2.68 12.81
C GLU B 85 -16.86 2.25 11.54
N VAL B 86 -16.84 3.11 10.52
CA VAL B 86 -17.42 2.78 9.23
C VAL B 86 -16.29 2.62 8.22
N GLN B 87 -16.18 1.43 7.64
CA GLN B 87 -15.08 1.13 6.72
C GLN B 87 -15.25 1.83 5.38
N LEU B 88 -14.38 2.79 5.12
CA LEU B 88 -14.38 3.52 3.85
C LEU B 88 -13.64 2.72 2.78
N MSE B 89 -14.26 2.65 1.59
CA MSE B 89 -13.67 1.93 0.47
C MSE B 89 -13.91 2.67 -0.83
O MSE B 89 -14.98 3.27 -1.03
CB MSE B 89 -14.21 0.51 0.38
CG MSE B 89 -13.71 -0.28 -0.82
SE MSE B 89 -14.40 -2.10 -0.88
CE MSE B 89 -13.66 -2.77 0.80
H MSE B 89 -15.02 2.99 1.42
HA MSE B 89 -12.71 1.86 0.61
HB2 MSE B 89 -13.96 0.02 1.18
HB3 MSE B 89 -15.18 0.56 0.32
HG2 MSE B 89 -14.00 0.17 -1.63
HG3 MSE B 89 -12.75 -0.33 -0.79
HE1 MSE B 89 -13.92 -3.69 0.92
HE2 MSE B 89 -12.69 -2.69 0.77
HE3 MSE B 89 -14.00 -2.23 1.53
N ILE B 90 -12.92 2.65 -1.71
CA ILE B 90 -13.01 3.30 -3.00
C ILE B 90 -13.05 2.23 -4.08
N THR B 91 -14.06 2.31 -4.95
CA THR B 91 -14.28 1.29 -5.97
C THR B 91 -13.14 1.29 -6.98
N SER B 92 -12.62 2.47 -7.29
CA SER B 92 -11.52 2.59 -8.25
C SER B 92 -10.19 2.20 -7.62
N LEU B 93 -10.17 2.13 -6.29
CA LEU B 93 -8.96 1.75 -5.56
C LEU B 93 -9.26 0.66 -4.53
N PRO B 94 -9.71 -0.51 -5.01
CA PRO B 94 -9.98 -1.62 -4.10
C PRO B 94 -8.68 -2.23 -3.58
N MSE B 95 -8.74 -2.89 -2.43
CA MSE B 95 -7.56 -3.49 -1.84
C MSE B 95 -6.65 -2.45 -1.20
O MSE B 95 -5.57 -2.78 -0.70
CB MSE B 95 -6.78 -4.30 -2.88
CG MSE B 95 -7.49 -5.52 -3.38
SE MSE B 95 -7.70 -6.85 -1.97
CE MSE B 95 -5.83 -7.02 -1.46
H MSE B 95 -9.46 -3.00 -1.98
HA MSE B 95 -7.84 -4.11 -1.14
N MSE B 96 -7.09 -1.18 -1.21
CA MSE B 96 -6.31 -0.11 -0.58
C MSE B 96 -6.07 -0.42 0.89
O MSE B 96 -5.07 0.02 1.46
CB MSE B 96 -7.04 1.23 -0.72
CG MSE B 96 -6.41 2.36 0.09
SE MSE B 96 -7.38 4.04 -0.02
CE MSE B 96 -7.01 4.47 -1.89
H MSE B 96 -7.82 -0.93 -1.57
HA MSE B 96 -5.46 -0.04 -1.03
HB2 MSE B 96 -7.03 1.49 -1.65
HB3 MSE B 96 -7.95 1.12 -0.41
HG2 MSE B 96 -6.38 2.11 1.03
HG3 MSE B 96 -5.51 2.52 -0.23
HE1 MSE B 96 -7.44 5.31 -2.11
HE2 MSE B 96 -6.05 4.54 -2.00
HE3 MSE B 96 -7.37 3.75 -2.44
N ASN B 97 -6.98 -1.16 1.49
CA ASN B 97 -6.87 -1.54 2.89
C ASN B 97 -5.55 -2.25 3.15
N GLU B 98 -5.39 -3.43 2.56
CA GLU B 98 -4.21 -4.26 2.79
C GLU B 98 -3.31 -4.31 1.55
N VAL B 99 -2.35 -3.39 1.50
CA VAL B 99 -1.44 -3.30 0.36
C VAL B 99 -0.27 -4.25 0.55
N THR B 100 0.21 -4.37 1.78
CA THR B 100 1.40 -5.15 2.08
C THR B 100 1.08 -6.32 3.00
N GLY B 101 0.16 -6.10 3.93
CA GLY B 101 -0.18 -7.11 4.92
C GLY B 101 0.15 -6.63 6.33
N ASN B 102 1.22 -5.84 6.44
CA ASN B 102 1.61 -5.25 7.71
C ASN B 102 0.60 -4.18 8.13
N PRO B 103 -0.14 -4.43 9.23
CA PRO B 103 -1.16 -3.46 9.65
C PRO B 103 -0.62 -2.06 9.90
N LEU B 104 0.69 -1.96 10.11
CA LEU B 104 1.32 -0.67 10.40
C LEU B 104 1.40 0.21 9.15
N LEU B 105 1.86 -0.38 8.05
CA LEU B 105 1.98 0.35 6.78
C LEU B 105 0.62 0.55 6.12
N ASP B 106 -0.25 -0.45 6.25
CA ASP B 106 -1.59 -0.37 5.68
C ASP B 106 -2.27 0.92 6.11
N LYS B 107 -2.25 1.19 7.41
CA LYS B 107 -2.83 2.42 7.95
C LYS B 107 -2.10 3.64 7.40
N PHE B 108 -0.77 3.59 7.39
CA PHE B 108 0.02 4.72 6.92
C PHE B 108 -0.29 5.04 5.46
N MSE B 109 -0.24 4.04 4.60
CA MSE B 109 -0.49 4.23 3.17
C MSE B 109 -1.92 4.71 2.93
O MSE B 109 -2.14 5.64 2.15
CB MSE B 109 -0.24 2.93 2.40
CG MSE B 109 1.21 2.51 2.35
SE MSE B 109 2.37 3.86 1.54
CE MSE B 109 1.62 3.87 -0.26
H MSE B 109 -0.07 3.22 4.81
HA MSE B 109 0.12 4.90 2.84
HB2 MSE B 109 -0.74 2.22 2.83
HB3 MSE B 109 -0.55 3.05 1.49
HG2 MSE B 109 1.53 2.36 3.26
HG3 MSE B 109 1.30 1.69 1.84
HE1 MSE B 109 2.11 4.51 -0.80
HE2 MSE B 109 1.70 2.98 -0.64
HE3 MSE B 109 0.69 4.12 -0.20
N LYS B 110 -2.88 4.09 3.59
CA LYS B 110 -4.27 4.50 3.51
C LYS B 110 -4.38 6.01 3.70
N ASP B 111 -3.76 6.49 4.77
CA ASP B 111 -3.71 7.92 5.07
C ASP B 111 -2.97 8.68 3.96
N LEU B 112 -1.96 8.04 3.37
CA LEU B 112 -1.13 8.68 2.37
C LEU B 112 -1.86 8.85 1.04
N ILE B 113 -2.43 7.77 0.53
CA ILE B 113 -3.08 7.79 -0.77
C ILE B 113 -4.28 8.73 -0.69
N ILE B 114 -5.05 8.61 0.39
CA ILE B 114 -6.21 9.46 0.58
C ILE B 114 -5.78 10.92 0.51
N ARG B 115 -4.70 11.26 1.20
CA ARG B 115 -4.25 12.65 1.28
C ARG B 115 -3.68 13.14 -0.05
N ILE B 116 -3.09 12.23 -0.82
CA ILE B 116 -2.68 12.56 -2.18
C ILE B 116 -3.93 12.87 -3.00
N LEU B 117 -4.90 11.97 -2.97
CA LEU B 117 -6.13 12.14 -3.73
C LEU B 117 -6.86 13.42 -3.34
N ALA B 118 -6.79 13.78 -2.06
CA ALA B 118 -7.48 14.96 -1.55
C ALA B 118 -6.87 16.25 -2.09
N MSE B 119 -5.55 16.33 -2.08
CA MSE B 119 -4.87 17.53 -2.60
C MSE B 119 -5.06 17.65 -4.10
O MSE B 119 -5.05 18.75 -4.65
CB MSE B 119 -3.37 17.49 -2.27
CG MSE B 119 -2.64 16.26 -2.78
SE MSE B 119 -0.72 16.47 -2.89
CE MSE B 119 -0.64 17.81 -4.29
H MSE B 119 -5.02 15.73 -1.80
HA MSE B 119 -5.24 18.31 -2.17
HB2 MSE B 119 -2.94 18.27 -2.64
HB3 MSE B 119 -3.27 17.50 -1.29
HG2 MSE B 119 -2.83 15.51 -2.19
HG3 MSE B 119 -2.97 16.06 -3.68
HE1 MSE B 119 0.28 18.04 -4.47
HE2 MSE B 119 -1.06 17.46 -5.10
HE3 MSE B 119 -1.13 18.61 -4.00
N VAL B 120 -5.23 16.52 -4.78
CA VAL B 120 -5.48 16.50 -6.20
C VAL B 120 -6.89 16.99 -6.46
N SER B 121 -7.85 16.46 -5.71
CA SER B 121 -9.25 16.83 -5.86
C SER B 121 -9.44 18.34 -5.71
N GLU B 122 -8.60 18.97 -4.90
CA GLU B 122 -8.73 20.39 -4.62
C GLU B 122 -8.12 21.25 -5.73
N GLN B 123 -6.85 21.02 -6.02
CA GLN B 123 -6.11 21.87 -6.95
C GLN B 123 -6.62 21.74 -8.38
N GLU B 124 -7.42 20.71 -8.64
CA GLU B 124 -8.03 20.54 -9.96
C GLU B 124 -9.17 21.55 -10.13
S SO4 C . 21.56 -4.75 12.20
O1 SO4 C . 21.71 -6.19 12.02
O2 SO4 C . 22.09 -4.37 13.51
O3 SO4 C . 20.14 -4.39 12.14
O4 SO4 C . 22.29 -4.05 11.15
S SO4 D . -17.16 18.15 -10.20
O1 SO4 D . -16.21 17.16 -10.69
O2 SO4 D . -16.84 18.51 -8.82
O3 SO4 D . -18.52 17.60 -10.26
O4 SO4 D . -17.10 19.36 -11.03
#